data_3PS2
#
_entry.id   3PS2
#
_cell.length_a   107.449
_cell.length_b   107.449
_cell.length_c   53.422
_cell.angle_alpha   90.000
_cell.angle_beta   90.000
_cell.angle_gamma   120.000
#
_symmetry.space_group_name_H-M   'P 61'
#
loop_
_entity.id
_entity.type
_entity.pdbx_description
1 polymer 'UDP-3-O-[3-hydroxymyristoyl] N-acetylglucosamine deacetylase'
2 non-polymer 'ZINC ION'
3 non-polymer 4-[4-(3-aminophenyl)buta-1,3-diyn-1-yl]-N-[(2S,3R)-3-hydroxy-1-nitroso-1-oxobutan-2-yl]benzamide
4 non-polymer 4-ethynyl-N-[(1S,2R)-2-hydroxy-1-(oxocarbamoyl)propyl]benzamide
5 non-polymer 'DIMETHYL SULFOXIDE'
6 non-polymer 'SULFATE ION'
7 water water
#
_entity_poly.entity_id   1
_entity_poly.type   'polypeptide(L)'
_entity_poly.pdbx_seq_one_letter_code
;MIKQRTLKRIVQATGVGLHTGKKVTLTLRPAPANTGVIYRRTDLNPPVDFPADAKSVRDTMLCTCLVNEHDVRISTVEHL
NAALAGLGIDNIVIEVNAPEIPIMDGSAAPFVYLLLDAGIDELNCAKKFVRIKETVRVEDGDKWAEFKPYNGFSLDFTID
FNHPAIDSSNQRYAMNFSADAFMRQISRARTFGFMRDIEYLQSRGLCLGGSFDCAIVVDDYRVLNEDGLRFEDEFVRHKM
LDAIGDLFMCGHNIIGAFTAYKSGHALNNKLLQAVLAKQEAWEYVTFQDDAELPLAFKAP
;
_entity_poly.pdbx_strand_id   A
#
loop_
_chem_comp.id
_chem_comp.type
_chem_comp.name
_chem_comp.formula
DMS non-polymer 'DIMETHYL SULFOXIDE' 'C2 H6 O S'
SO4 non-polymer 'SULFATE ION' 'O4 S -2'
UKW non-polymer 4-ethynyl-N-[(1S,2R)-2-hydroxy-1-(oxocarbamoyl)propyl]benzamide 'C13 H12 N2 O4'
ZH4 non-polymer 4-[4-(3-aminophenyl)buta-1,3-diyn-1-yl]-N-[(2S,3R)-3-hydroxy-1-nitroso-1-oxobutan-2-yl]benzamide 'C21 H17 N3 O4'
ZN non-polymer 'ZINC ION' 'Zn 2'
#
# COMPACT_ATOMS: atom_id res chain seq x y z
N MET A 1 4.76 12.81 -24.22
CA MET A 1 5.16 12.96 -22.80
C MET A 1 4.28 12.09 -21.90
N ILE A 2 4.91 11.36 -20.98
CA ILE A 2 4.20 10.57 -19.99
C ILE A 2 3.64 11.50 -18.93
N LYS A 3 2.32 11.54 -18.83
CA LYS A 3 1.64 12.52 -18.01
C LYS A 3 1.18 11.97 -16.67
N GLN A 4 1.02 12.87 -15.69
CA GLN A 4 0.41 12.53 -14.42
C GLN A 4 -1.05 12.17 -14.66
N ARG A 5 -1.62 11.37 -13.77
CA ARG A 5 -2.99 10.91 -13.94
C ARG A 5 -3.81 11.15 -12.68
N THR A 6 -5.11 11.37 -12.87
CA THR A 6 -6.04 11.53 -11.77
C THR A 6 -7.33 10.79 -12.14
N LEU A 7 -8.39 10.97 -11.36
CA LEU A 7 -9.65 10.31 -11.65
C LEU A 7 -10.51 11.16 -12.57
N LYS A 8 -11.36 10.51 -13.36
CA LYS A 8 -12.28 11.22 -14.25
C LYS A 8 -13.50 11.71 -13.48
N ARG A 9 -13.96 10.89 -12.54
CA ARG A 9 -15.16 11.19 -11.77
C ARG A 9 -14.98 10.88 -10.30
N ILE A 10 -15.85 11.47 -9.49
CA ILE A 10 -15.94 11.12 -8.09
C ILE A 10 -16.69 9.80 -7.95
N VAL A 11 -16.18 8.91 -7.12
CA VAL A 11 -16.86 7.66 -6.83
C VAL A 11 -16.84 7.42 -5.32
N GLN A 12 -17.73 6.56 -4.82
CA GLN A 12 -17.76 6.28 -3.40
C GLN A 12 -18.19 4.85 -3.12
N ALA A 13 -17.64 4.28 -2.05
CA ALA A 13 -17.98 2.94 -1.62
C ALA A 13 -18.18 2.94 -0.11
N THR A 14 -18.76 1.88 0.41
CA THR A 14 -19.00 1.79 1.83
C THR A 14 -18.42 0.47 2.35
N GLY A 15 -18.00 0.46 3.60
CA GLY A 15 -17.41 -0.73 4.19
C GLY A 15 -17.26 -0.57 5.69
N VAL A 16 -16.73 -1.58 6.36
CA VAL A 16 -16.54 -1.52 7.80
C VAL A 16 -15.10 -1.17 8.14
N GLY A 17 -14.91 -0.35 9.18
CA GLY A 17 -13.59 -0.02 9.66
C GLY A 17 -13.06 -1.12 10.56
N LEU A 18 -11.82 -1.52 10.34
CA LEU A 18 -11.20 -2.58 11.14
C LEU A 18 -11.21 -2.25 12.63
N HIS A 19 -10.96 -0.98 12.97
CA HIS A 19 -10.87 -0.57 14.37
C HIS A 19 -12.26 -0.46 15.01
N THR A 20 -13.11 0.36 14.41
CA THR A 20 -14.39 0.73 15.03
C THR A 20 -15.50 -0.28 14.82
N GLY A 21 -15.43 -1.03 13.72
CA GLY A 21 -16.49 -1.96 13.37
C GLY A 21 -17.69 -1.22 12.78
N LYS A 22 -17.49 0.06 12.47
CA LYS A 22 -18.58 0.91 12.01
C LYS A 22 -18.57 1.07 10.50
N LYS A 23 -19.74 1.39 9.95
CA LYS A 23 -19.84 1.70 8.53
C LYS A 23 -19.05 2.96 8.23
N VAL A 24 -18.23 2.90 7.19
CA VAL A 24 -17.43 4.03 6.76
C VAL A 24 -17.71 4.30 5.29
N THR A 25 -18.01 5.55 4.96
CA THR A 25 -18.21 5.93 3.58
C THR A 25 -16.94 6.52 3.01
N LEU A 26 -16.44 5.90 1.95
CA LEU A 26 -15.21 6.29 1.28
C LEU A 26 -15.56 7.04 -0.01
N THR A 27 -14.90 8.18 -0.22
CA THR A 27 -15.13 8.97 -1.44
C THR A 27 -13.81 9.33 -2.09
N LEU A 28 -13.64 8.94 -3.34
CA LEU A 28 -12.45 9.27 -4.11
C LEU A 28 -12.75 10.45 -5.03
N ARG A 29 -11.82 11.38 -5.13
CA ARG A 29 -11.99 12.58 -5.91
C ARG A 29 -10.85 12.86 -6.88
N PRO A 30 -11.16 13.41 -8.03
CA PRO A 30 -10.11 13.92 -8.92
C PRO A 30 -9.38 15.09 -8.28
N ALA A 31 -8.16 15.30 -8.68
CA ALA A 31 -7.39 16.36 -8.15
C ALA A 31 -6.44 16.89 -9.18
N PRO A 32 -6.02 18.12 -9.05
CA PRO A 32 -5.13 18.77 -9.99
C PRO A 32 -3.73 18.29 -9.92
N ALA A 33 -2.98 18.64 -10.92
CA ALA A 33 -1.65 18.18 -11.05
C ALA A 33 -0.72 18.62 -9.93
N ASN A 34 0.22 17.76 -9.56
CA ASN A 34 1.22 18.04 -8.54
C ASN A 34 0.70 18.06 -7.10
N THR A 35 -0.62 18.02 -6.91
CA THR A 35 -1.16 18.05 -5.56
C THR A 35 -0.96 16.71 -4.88
N GLY A 36 -0.79 15.65 -5.68
CA GLY A 36 -0.45 14.34 -5.17
C GLY A 36 -1.59 13.62 -4.49
N VAL A 37 -1.24 12.68 -3.61
CA VAL A 37 -2.23 11.89 -2.88
C VAL A 37 -2.54 12.54 -1.55
N ILE A 38 -3.83 12.75 -1.28
CA ILE A 38 -4.28 13.38 -0.04
C ILE A 38 -5.37 12.55 0.61
N TYR A 39 -5.15 12.17 1.87
CA TYR A 39 -6.20 11.52 2.66
C TYR A 39 -6.87 12.57 3.55
N ARG A 40 -8.20 12.52 3.63
CA ARG A 40 -8.95 13.55 4.33
C ARG A 40 -10.01 12.92 5.23
N ARG A 41 -10.07 13.36 6.48
CA ARG A 41 -11.15 12.97 7.37
C ARG A 41 -12.24 14.04 7.36
N THR A 42 -13.48 13.61 7.18
CA THR A 42 -14.61 14.54 7.17
C THR A 42 -15.53 14.32 8.35
N ASP A 43 -15.18 13.36 9.22
CA ASP A 43 -15.90 13.20 10.47
C ASP A 43 -15.54 14.35 11.40
N LEU A 44 -14.27 14.77 11.37
CA LEU A 44 -13.83 15.93 12.12
C LEU A 44 -14.34 17.20 11.45
N ASN A 45 -14.64 18.20 12.26
CA ASN A 45 -15.10 19.49 11.77
C ASN A 45 -14.28 20.60 12.41
N PRO A 46 -13.48 21.31 11.61
CA PRO A 46 -13.38 21.14 10.16
C PRO A 46 -12.65 19.87 9.75
N PRO A 47 -12.74 19.51 8.45
CA PRO A 47 -12.02 18.35 7.91
C PRO A 47 -10.51 18.51 8.04
N VAL A 48 -9.82 17.38 8.17
CA VAL A 48 -8.37 17.39 8.29
C VAL A 48 -7.75 16.70 7.08
N ASP A 49 -6.67 17.28 6.56
CA ASP A 49 -5.96 16.70 5.44
C ASP A 49 -4.66 16.07 5.90
N PHE A 50 -4.33 14.94 5.27
CA PHE A 50 -3.12 14.20 5.55
C PHE A 50 -2.43 13.91 4.23
N PRO A 51 -1.52 14.80 3.81
CA PRO A 51 -0.77 14.53 2.58
C PRO A 51 0.05 13.26 2.71
N ALA A 52 -0.07 12.36 1.74
CA ALA A 52 0.75 11.15 1.72
C ALA A 52 2.22 11.54 1.70
N ASP A 53 2.94 11.17 2.76
CA ASP A 53 4.34 11.54 2.92
C ASP A 53 5.05 10.49 3.76
N ALA A 54 6.22 10.04 3.31
CA ALA A 54 6.97 9.02 4.02
C ALA A 54 7.20 9.40 5.48
N LYS A 55 7.31 10.69 5.76
CA LYS A 55 7.62 11.16 7.11
C LYS A 55 6.41 11.07 8.04
N SER A 56 5.22 11.10 7.46
CA SER A 56 4.00 11.16 8.25
C SER A 56 3.44 9.78 8.58
N VAL A 57 4.15 8.75 8.16
CA VAL A 57 3.70 7.39 8.38
C VAL A 57 4.04 6.91 9.79
N ARG A 58 3.11 6.19 10.41
CA ARG A 58 3.33 5.56 11.69
C ARG A 58 2.79 4.14 11.62
N ASP A 59 3.63 3.17 11.95
CA ASP A 59 3.21 1.77 11.91
C ASP A 59 2.60 1.37 13.24
N THR A 60 1.27 1.43 13.31
CA THR A 60 0.54 1.04 14.49
C THR A 60 0.37 -0.48 14.54
N MET A 61 -0.05 -0.97 15.69
CA MET A 61 -0.23 -2.41 15.88
C MET A 61 -1.04 -3.00 14.74
N LEU A 62 -2.13 -2.33 14.38
CA LEU A 62 -2.98 -2.76 13.28
C LEU A 62 -2.73 -1.92 12.04
N CYS A 63 -2.16 -2.54 11.01
CA CYS A 63 -1.95 -1.85 9.75
C CYS A 63 -1.10 -0.60 9.97
N THR A 64 -1.35 0.46 9.21
CA THR A 64 -0.58 1.70 9.36
C THR A 64 -1.50 2.91 9.36
N CYS A 65 -0.95 4.07 9.70
CA CYS A 65 -1.73 5.30 9.72
C CYS A 65 -0.88 6.50 9.34
N LEU A 66 -1.53 7.59 8.98
CA LEU A 66 -0.86 8.87 8.77
C LEU A 66 -1.12 9.78 9.96
N VAL A 67 -0.19 10.68 10.22
CA VAL A 67 -0.27 11.60 11.34
C VAL A 67 -0.10 13.03 10.85
N ASN A 68 -0.83 13.96 11.45
CA ASN A 68 -0.63 15.37 11.16
C ASN A 68 0.14 16.05 12.27
N GLU A 69 0.27 17.37 12.16
CA GLU A 69 1.02 18.17 13.12
C GLU A 69 0.64 17.90 14.59
N HIS A 70 -0.62 17.67 14.86
CA HIS A 70 -1.08 17.46 16.19
C HIS A 70 -1.28 16.04 16.66
N ASP A 71 -0.85 15.08 15.86
CA ASP A 71 -1.02 13.65 16.15
C ASP A 71 -2.42 13.14 15.98
N VAL A 72 -3.24 13.87 15.24
CA VAL A 72 -4.49 13.31 14.76
C VAL A 72 -4.14 12.32 13.66
N ARG A 73 -4.91 11.24 13.55
CA ARG A 73 -4.52 10.13 12.67
C ARG A 73 -5.63 9.69 11.71
N ILE A 74 -5.23 9.14 10.57
CA ILE A 74 -6.15 8.41 9.71
C ILE A 74 -5.51 7.06 9.43
N SER A 75 -6.27 5.99 9.63
CA SER A 75 -5.68 4.66 9.71
C SER A 75 -6.02 3.76 8.53
N THR A 76 -5.23 2.69 8.39
CA THR A 76 -5.48 1.66 7.39
C THR A 76 -5.46 2.21 5.97
N VAL A 77 -4.40 2.92 5.60
CA VAL A 77 -4.34 3.58 4.30
C VAL A 77 -3.56 2.80 3.25
N GLU A 78 -2.86 1.76 3.69
CA GLU A 78 -1.79 1.18 2.87
C GLU A 78 -2.27 0.25 1.76
N HIS A 79 -3.41 -0.39 1.94
CA HIS A 79 -3.93 -1.28 0.91
C HIS A 79 -4.51 -0.46 -0.24
N LEU A 80 -5.33 0.53 0.07
CA LEU A 80 -5.83 1.45 -0.94
C LEU A 80 -4.65 2.12 -1.62
N ASN A 81 -3.68 2.55 -0.82
CA ASN A 81 -2.50 3.21 -1.35
C ASN A 81 -1.77 2.32 -2.35
N ALA A 82 -1.71 1.02 -2.07
CA ALA A 82 -1.07 0.09 -2.98
C ALA A 82 -1.83 0.04 -4.30
N ALA A 83 -3.16 0.07 -4.23
CA ALA A 83 -3.98 0.06 -5.44
C ALA A 83 -3.75 1.33 -6.26
N LEU A 84 -3.46 2.44 -5.59
CA LEU A 84 -3.14 3.68 -6.28
C LEU A 84 -1.90 3.50 -7.14
N ALA A 85 -0.88 2.89 -6.56
CA ALA A 85 0.36 2.62 -7.29
C ALA A 85 0.07 1.66 -8.44
N GLY A 86 -0.72 0.63 -8.15
CA GLY A 86 -1.06 -0.38 -9.14
C GLY A 86 -1.66 0.18 -10.42
N LEU A 87 -2.63 1.07 -10.28
CA LEU A 87 -3.34 1.62 -11.43
C LEU A 87 -2.73 2.94 -11.90
N GLY A 88 -1.63 3.34 -11.27
CA GLY A 88 -0.91 4.53 -11.67
C GLY A 88 -1.68 5.82 -11.48
N ILE A 89 -2.20 6.03 -10.27
CA ILE A 89 -2.84 7.28 -9.90
C ILE A 89 -1.83 8.19 -9.21
N ASP A 90 -1.72 9.43 -9.67
CA ASP A 90 -0.75 10.37 -9.13
C ASP A 90 -1.39 11.42 -8.22
N ASN A 91 -2.56 11.90 -8.59
CA ASN A 91 -3.22 12.95 -7.85
C ASN A 91 -4.64 12.52 -7.52
N ILE A 92 -5.04 12.71 -6.27
CA ILE A 92 -6.33 12.22 -5.84
C ILE A 92 -6.63 12.67 -4.42
N VAL A 93 -7.88 12.90 -4.12
CA VAL A 93 -8.30 13.14 -2.78
C VAL A 93 -9.15 12.01 -2.29
N ILE A 94 -8.78 11.45 -1.16
CA ILE A 94 -9.43 10.29 -0.58
C ILE A 94 -10.07 10.70 0.73
N GLU A 95 -11.40 10.69 0.78
CA GLU A 95 -12.12 11.13 1.97
C GLU A 95 -12.81 9.96 2.66
N VAL A 96 -12.81 9.99 3.99
CA VAL A 96 -13.64 9.07 4.75
C VAL A 96 -14.30 9.85 5.87
N ASN A 97 -15.56 9.54 6.14
CA ASN A 97 -16.30 10.18 7.23
C ASN A 97 -16.04 9.44 8.52
N ALA A 98 -14.79 9.03 8.71
CA ALA A 98 -14.42 8.25 9.87
C ALA A 98 -12.91 8.33 10.08
N PRO A 99 -12.42 7.74 11.18
CA PRO A 99 -10.98 7.79 11.47
C PRO A 99 -10.16 6.86 10.58
N GLU A 100 -10.79 6.03 9.76
CA GLU A 100 -10.06 5.01 9.01
C GLU A 100 -10.65 4.71 7.63
N ILE A 101 -9.81 4.16 6.77
CA ILE A 101 -10.22 3.62 5.49
C ILE A 101 -10.86 2.25 5.73
N PRO A 102 -12.01 1.98 5.10
CA PRO A 102 -12.63 0.66 5.27
C PRO A 102 -11.67 -0.48 4.94
N ILE A 103 -11.74 -1.56 5.70
CA ILE A 103 -10.84 -2.69 5.53
C ILE A 103 -11.26 -3.56 4.35
N MET A 104 -12.55 -3.51 4.00
CA MET A 104 -13.08 -4.32 2.90
C MET A 104 -12.80 -5.81 3.15
N ASP A 105 -12.21 -6.48 2.17
CA ASP A 105 -11.96 -7.92 2.30
C ASP A 105 -10.54 -8.24 2.75
N GLY A 106 -9.80 -7.19 3.13
CA GLY A 106 -8.45 -7.37 3.64
C GLY A 106 -7.38 -7.24 2.58
N SER A 107 -7.80 -7.08 1.33
CA SER A 107 -6.86 -6.94 0.22
C SER A 107 -7.05 -5.59 -0.46
N ALA A 108 -6.51 -5.45 -1.66
CA ALA A 108 -6.65 -4.22 -2.42
C ALA A 108 -7.67 -4.36 -3.55
N ALA A 109 -8.13 -5.55 -3.77
CA ALA A 109 -8.92 -5.82 -4.91
C ALA A 109 -10.19 -5.02 -4.98
N PRO A 110 -10.91 -4.83 -3.90
CA PRO A 110 -12.12 -4.04 -3.97
C PRO A 110 -11.87 -2.61 -4.36
N PHE A 111 -10.68 -2.11 -4.12
CA PHE A 111 -10.29 -0.77 -4.48
C PHE A 111 -10.00 -0.67 -5.97
N VAL A 112 -9.50 -1.77 -6.54
CA VAL A 112 -9.21 -1.80 -7.96
C VAL A 112 -10.47 -1.48 -8.76
N TYR A 113 -11.56 -2.17 -8.46
CA TYR A 113 -12.81 -1.96 -9.18
C TYR A 113 -13.32 -0.54 -8.98
N LEU A 114 -13.19 -0.04 -7.76
CA LEU A 114 -13.65 1.30 -7.43
C LEU A 114 -12.92 2.36 -8.26
N LEU A 115 -11.61 2.20 -8.41
CA LEU A 115 -10.81 3.14 -9.19
C LEU A 115 -11.15 3.00 -10.67
N LEU A 116 -11.41 1.78 -11.12
CA LEU A 116 -11.79 1.56 -12.51
C LEU A 116 -13.08 2.31 -12.82
N ASP A 117 -14.01 2.30 -11.88
CA ASP A 117 -15.26 3.03 -12.02
C ASP A 117 -15.00 4.52 -12.18
N ALA A 118 -14.01 5.03 -11.47
CA ALA A 118 -13.71 6.46 -11.47
C ALA A 118 -13.03 6.90 -12.77
N GLY A 119 -12.40 5.95 -13.46
CA GLY A 119 -11.74 6.25 -14.72
C GLY A 119 -10.46 7.04 -14.55
N ILE A 120 -9.69 7.14 -15.63
CA ILE A 120 -8.42 7.85 -15.61
C ILE A 120 -8.47 9.11 -16.46
N ASP A 121 -7.85 10.17 -15.96
CA ASP A 121 -7.85 11.45 -16.65
C ASP A 121 -6.44 12.01 -16.67
N GLU A 122 -5.81 11.99 -17.85
CA GLU A 122 -4.44 12.45 -17.99
C GLU A 122 -4.35 13.98 -17.92
N LEU A 123 -3.48 14.45 -17.03
CA LEU A 123 -3.27 15.88 -16.86
C LEU A 123 -2.05 16.32 -17.65
N ASN A 124 -2.10 17.52 -18.20
CA ASN A 124 -1.01 18.04 -19.01
C ASN A 124 0.15 18.51 -18.13
N CYS A 125 0.84 17.55 -17.53
CA CYS A 125 1.99 17.85 -16.70
C CYS A 125 2.82 16.57 -16.56
N ALA A 126 4.14 16.72 -16.63
CA ALA A 126 5.02 15.56 -16.64
C ALA A 126 4.93 14.77 -15.34
N LYS A 127 4.92 13.45 -15.47
CA LYS A 127 4.91 12.55 -14.32
C LYS A 127 6.35 12.30 -13.88
N LYS A 128 6.64 12.56 -12.62
CA LYS A 128 8.00 12.41 -12.10
C LYS A 128 8.18 11.06 -11.42
N PHE A 129 9.28 10.38 -11.75
CA PHE A 129 9.65 9.13 -11.11
C PHE A 129 10.89 9.35 -10.25
N VAL A 130 11.06 8.50 -9.25
CA VAL A 130 12.25 8.53 -8.42
C VAL A 130 13.20 7.43 -8.87
N ARG A 131 14.25 7.82 -9.61
CA ARG A 131 15.21 6.85 -10.13
C ARG A 131 16.36 6.62 -9.16
N ILE A 132 16.50 5.39 -8.70
CA ILE A 132 17.59 4.98 -7.83
C ILE A 132 18.94 5.12 -8.52
N LYS A 133 19.86 5.86 -7.90
CA LYS A 133 21.18 6.09 -8.47
C LYS A 133 22.26 5.33 -7.69
N GLU A 134 22.03 5.12 -6.40
CA GLU A 134 22.99 4.40 -5.56
C GLU A 134 22.30 3.27 -4.81
N THR A 135 23.08 2.28 -4.40
CA THR A 135 22.59 1.24 -3.53
C THR A 135 22.35 1.84 -2.15
N VAL A 136 21.20 1.53 -1.56
CA VAL A 136 20.86 2.03 -0.22
C VAL A 136 20.29 0.91 0.61
N ARG A 137 20.86 0.70 1.80
CA ARG A 137 20.47 -0.41 2.65
C ARG A 137 20.14 0.06 4.06
N VAL A 138 19.11 -0.52 4.65
CA VAL A 138 18.74 -0.26 6.03
C VAL A 138 18.48 -1.59 6.73
N GLU A 139 18.81 -1.67 8.01
CA GLU A 139 18.64 -2.93 8.74
C GLU A 139 17.96 -2.72 10.09
N ASP A 140 17.43 -3.80 10.63
CA ASP A 140 16.89 -3.81 11.98
C ASP A 140 17.09 -5.21 12.55
N GLY A 141 18.21 -5.40 13.22
CA GLY A 141 18.60 -6.73 13.67
C GLY A 141 18.97 -7.60 12.49
N ASP A 142 18.35 -8.77 12.41
CA ASP A 142 18.59 -9.68 11.30
C ASP A 142 17.76 -9.30 10.07
N LYS A 143 16.94 -8.26 10.21
CA LYS A 143 16.08 -7.79 9.12
C LYS A 143 16.82 -6.75 8.29
N TRP A 144 16.48 -6.68 7.00
CA TRP A 144 17.07 -5.68 6.13
C TRP A 144 16.24 -5.44 4.86
N ALA A 145 16.39 -4.26 4.29
CA ALA A 145 15.75 -3.93 3.02
C ALA A 145 16.64 -2.93 2.28
N GLU A 146 16.72 -3.07 0.96
CA GLU A 146 17.58 -2.20 0.17
C GLU A 146 17.00 -1.92 -1.20
N PHE A 147 17.41 -0.81 -1.77
CA PHE A 147 17.06 -0.45 -3.13
C PHE A 147 18.34 -0.40 -3.94
N LYS A 148 18.33 -0.94 -5.14
CA LYS A 148 19.50 -0.92 -6.00
C LYS A 148 19.16 -0.37 -7.37
N PRO A 149 20.12 0.30 -8.02
CA PRO A 149 19.91 0.80 -9.39
C PRO A 149 19.43 -0.30 -10.33
N TYR A 150 18.49 0.03 -11.19
CA TYR A 150 17.87 -0.95 -12.08
C TYR A 150 16.81 -0.25 -12.93
N ASN A 151 16.87 -0.45 -14.24
CA ASN A 151 15.95 0.21 -15.16
C ASN A 151 14.59 -0.47 -15.21
N GLY A 152 13.83 -0.33 -14.13
CA GLY A 152 12.54 -0.98 -14.00
C GLY A 152 12.14 -0.99 -12.54
N PHE A 153 11.10 -1.74 -12.20
CA PHE A 153 10.69 -1.87 -10.81
C PHE A 153 10.42 -3.32 -10.46
N SER A 154 11.25 -3.87 -9.59
CA SER A 154 11.13 -5.27 -9.17
C SER A 154 11.12 -5.35 -7.65
N LEU A 155 10.42 -6.33 -7.11
CA LEU A 155 10.39 -6.55 -5.67
C LEU A 155 10.76 -8.00 -5.37
N ASP A 156 11.62 -8.20 -4.39
CA ASP A 156 12.04 -9.54 -3.99
C ASP A 156 11.87 -9.69 -2.49
N PHE A 157 10.74 -10.27 -2.09
CA PHE A 157 10.35 -10.31 -0.69
C PHE A 157 10.49 -11.70 -0.09
N THR A 158 11.13 -11.75 1.08
CA THR A 158 11.23 -12.97 1.86
C THR A 158 10.82 -12.64 3.29
N ILE A 159 9.85 -13.35 3.84
CA ILE A 159 9.45 -13.13 5.22
C ILE A 159 9.59 -14.40 6.03
N ASP A 160 10.02 -14.25 7.28
CA ASP A 160 10.13 -15.38 8.17
C ASP A 160 8.79 -15.70 8.78
N PHE A 161 8.15 -16.74 8.28
CA PHE A 161 6.97 -17.30 8.90
C PHE A 161 7.40 -18.62 9.51
N ASN A 162 7.02 -18.86 10.77
CA ASN A 162 7.37 -20.08 11.44
C ASN A 162 6.12 -20.90 11.73
N HIS A 163 5.01 -20.49 11.14
CA HIS A 163 3.75 -21.15 11.31
C HIS A 163 3.56 -22.44 10.55
N PRO A 164 2.86 -23.39 11.13
CA PRO A 164 2.62 -24.69 10.48
C PRO A 164 1.74 -24.61 9.23
N ALA A 165 1.03 -23.49 9.06
CA ALA A 165 0.11 -23.36 7.94
C ALA A 165 0.74 -22.56 6.81
N ILE A 166 2.02 -22.25 6.95
CA ILE A 166 2.76 -21.52 5.93
C ILE A 166 4.01 -22.33 5.60
N ASP A 167 4.06 -22.85 4.38
CA ASP A 167 5.12 -23.78 3.99
C ASP A 167 6.37 -23.03 3.59
N SER A 168 7.51 -23.71 3.67
CA SER A 168 8.78 -23.13 3.27
C SER A 168 8.78 -22.81 1.77
N SER A 169 7.94 -23.53 1.04
CA SER A 169 7.79 -23.33 -0.40
C SER A 169 7.11 -21.99 -0.68
N ASN A 170 6.55 -21.37 0.36
CA ASN A 170 5.72 -20.18 0.20
C ASN A 170 6.14 -19.05 1.14
N GLN A 171 7.43 -18.76 1.21
CA GLN A 171 7.94 -17.69 2.06
C GLN A 171 8.54 -16.57 1.22
N ARG A 172 8.63 -16.81 -0.07
CA ARG A 172 9.33 -15.90 -0.96
C ARG A 172 8.49 -15.63 -2.18
N TYR A 173 8.33 -14.35 -2.50
CA TYR A 173 7.68 -13.96 -3.73
C TYR A 173 8.52 -12.85 -4.37
N ALA A 174 8.63 -12.90 -5.69
CA ALA A 174 9.42 -11.92 -6.41
C ALA A 174 8.72 -11.63 -7.72
N MET A 175 8.72 -10.36 -8.12
CA MET A 175 8.00 -9.98 -9.32
C MET A 175 8.60 -8.76 -9.98
N ASN A 176 8.38 -8.65 -11.28
CA ASN A 176 8.62 -7.41 -11.98
C ASN A 176 7.31 -6.65 -12.06
N PHE A 177 7.27 -5.50 -11.40
CA PHE A 177 6.04 -4.73 -11.26
C PHE A 177 5.41 -4.34 -12.59
N SER A 178 4.08 -4.28 -12.58
CA SER A 178 3.31 -3.77 -13.70
C SER A 178 1.85 -3.75 -13.28
N ALA A 179 1.09 -2.78 -13.78
CA ALA A 179 -0.31 -2.65 -13.43
C ALA A 179 -1.03 -3.99 -13.55
N ASP A 180 -0.74 -4.73 -14.62
CA ASP A 180 -1.38 -6.01 -14.86
C ASP A 180 -0.95 -7.05 -13.83
N ALA A 181 0.34 -7.10 -13.56
CA ALA A 181 0.87 -8.05 -12.59
C ALA A 181 0.28 -7.78 -11.21
N PHE A 182 0.12 -6.51 -10.86
CA PHE A 182 -0.38 -6.16 -9.55
C PHE A 182 -1.83 -6.60 -9.40
N MET A 183 -2.65 -6.30 -10.40
CA MET A 183 -4.06 -6.57 -10.33
C MET A 183 -4.37 -8.08 -10.26
N ARG A 184 -3.57 -8.88 -10.94
CA ARG A 184 -3.87 -10.31 -11.06
C ARG A 184 -3.11 -11.18 -10.05
N GLN A 185 -1.89 -10.79 -9.73
CA GLN A 185 -1.05 -11.59 -8.84
C GLN A 185 -1.11 -11.11 -7.38
N ILE A 186 -1.31 -9.82 -7.18
CA ILE A 186 -1.16 -9.25 -5.84
C ILE A 186 -2.45 -8.72 -5.22
N SER A 187 -3.30 -8.09 -6.02
CA SER A 187 -4.39 -7.29 -5.47
C SER A 187 -5.34 -8.09 -4.57
N ARG A 188 -5.51 -9.37 -4.86
CA ARG A 188 -6.48 -10.19 -4.11
C ARG A 188 -5.89 -10.85 -2.86
N ALA A 189 -4.60 -10.68 -2.61
CA ALA A 189 -3.99 -11.29 -1.43
C ALA A 189 -4.42 -10.53 -0.18
N ARG A 190 -5.04 -11.24 0.74
CA ARG A 190 -5.61 -10.64 1.94
C ARG A 190 -4.61 -10.53 3.06
N THR A 191 -4.86 -9.60 3.97
CA THR A 191 -4.08 -9.47 5.20
C THR A 191 -4.39 -10.66 6.08
N PHE A 192 -3.57 -10.86 7.12
CA PHE A 192 -3.70 -12.03 7.97
C PHE A 192 -3.40 -11.68 9.43
N GLY A 193 -3.79 -12.57 10.34
CA GLY A 193 -3.58 -12.35 11.76
C GLY A 193 -3.72 -13.61 12.59
N PHE A 194 -3.28 -13.53 13.84
CA PHE A 194 -3.36 -14.64 14.78
C PHE A 194 -4.65 -14.53 15.58
N MET A 195 -5.43 -15.61 15.62
CA MET A 195 -6.80 -15.58 16.14
C MET A 195 -6.90 -15.20 17.62
N ARG A 196 -6.00 -15.71 18.44
CA ARG A 196 -6.03 -15.41 19.87
C ARG A 196 -5.75 -13.93 20.12
N ASP A 197 -4.78 -13.38 19.40
CA ASP A 197 -4.47 -11.97 19.51
C ASP A 197 -5.70 -11.13 19.18
N ILE A 198 -6.37 -11.43 18.09
CA ILE A 198 -7.55 -10.73 17.68
C ILE A 198 -8.68 -10.85 18.68
N GLU A 199 -8.92 -12.05 19.15
CA GLU A 199 -9.87 -12.26 20.24
C GLU A 199 -9.60 -11.29 21.38
N TYR A 200 -8.32 -11.17 21.73
CA TYR A 200 -7.92 -10.34 22.85
C TYR A 200 -8.22 -8.87 22.58
N LEU A 201 -7.86 -8.38 21.43
CA LEU A 201 -8.11 -7.00 21.11
C LEU A 201 -9.56 -6.70 21.09
N GLN A 202 -10.34 -7.59 20.57
CA GLN A 202 -11.78 -7.38 20.52
C GLN A 202 -12.42 -7.46 21.90
N SER A 203 -11.75 -8.12 22.85
CA SER A 203 -12.24 -8.18 24.22
C SER A 203 -11.89 -6.87 24.92
N ARG A 204 -10.88 -6.18 24.40
CA ARG A 204 -10.47 -4.88 24.91
C ARG A 204 -11.11 -3.74 24.11
N GLY A 205 -12.06 -4.07 23.25
CA GLY A 205 -12.79 -3.06 22.50
C GLY A 205 -12.08 -2.55 21.25
N LEU A 206 -11.05 -3.27 20.82
CA LEU A 206 -10.28 -2.89 19.64
C LEU A 206 -10.51 -3.86 18.48
N CYS A 207 -10.09 -3.45 17.28
CA CYS A 207 -10.16 -4.32 16.11
C CYS A 207 -11.57 -4.86 15.91
N LEU A 208 -12.57 -4.02 16.18
CA LEU A 208 -13.96 -4.45 16.23
C LEU A 208 -14.56 -4.84 14.87
N GLY A 209 -13.95 -4.37 13.79
CA GLY A 209 -14.40 -4.72 12.46
C GLY A 209 -13.76 -5.99 11.93
N GLY A 210 -12.94 -6.63 12.75
CA GLY A 210 -12.28 -7.86 12.35
C GLY A 210 -13.27 -9.00 12.17
N SER A 211 -13.15 -9.72 11.05
CA SER A 211 -13.98 -10.88 10.79
C SER A 211 -13.32 -11.76 9.71
N PHE A 212 -13.90 -12.92 9.47
CA PHE A 212 -13.40 -13.81 8.43
C PHE A 212 -13.50 -13.12 7.07
N ASP A 213 -14.43 -12.18 6.96
CA ASP A 213 -14.67 -11.47 5.72
C ASP A 213 -13.58 -10.45 5.38
N CYS A 214 -12.68 -10.16 6.31
CA CYS A 214 -11.70 -9.11 6.09
C CYS A 214 -10.26 -9.56 6.32
N ALA A 215 -10.03 -10.84 6.62
CA ALA A 215 -8.69 -11.29 6.92
C ALA A 215 -8.54 -12.81 6.99
N ILE A 216 -7.37 -13.31 6.64
CA ILE A 216 -6.98 -14.68 6.90
C ILE A 216 -6.63 -14.78 8.36
N VAL A 217 -7.23 -15.71 9.04
CA VAL A 217 -7.04 -15.90 10.43
C VAL A 217 -6.56 -17.34 10.74
N VAL A 218 -5.51 -17.49 11.55
CA VAL A 218 -4.99 -18.82 11.88
C VAL A 218 -4.90 -18.96 13.39
N ASP A 219 -5.18 -20.15 13.91
CA ASP A 219 -4.85 -20.44 15.31
C ASP A 219 -3.39 -20.92 15.35
N ASP A 220 -3.03 -21.76 16.31
CA ASP A 220 -1.64 -22.22 16.40
C ASP A 220 -1.27 -23.16 15.26
N TYR A 221 -2.26 -23.79 14.64
CA TYR A 221 -2.01 -24.93 13.76
C TYR A 221 -2.48 -24.79 12.32
N ARG A 222 -3.53 -24.01 12.08
CA ARG A 222 -4.15 -24.01 10.77
C ARG A 222 -4.91 -22.74 10.44
N VAL A 223 -5.14 -22.52 9.16
CA VAL A 223 -6.04 -21.47 8.69
C VAL A 223 -7.48 -21.84 9.08
N LEU A 224 -8.19 -20.89 9.66
CA LEU A 224 -9.55 -21.13 10.15
C LEU A 224 -10.60 -20.78 9.10
N ASN A 225 -10.23 -19.96 8.13
CA ASN A 225 -11.17 -19.55 7.09
C ASN A 225 -11.70 -20.76 6.33
N GLU A 226 -13.01 -20.91 6.31
CA GLU A 226 -13.68 -22.05 5.70
C GLU A 226 -13.11 -22.40 4.33
N ASP A 227 -12.92 -21.38 3.49
CA ASP A 227 -12.55 -21.60 2.09
C ASP A 227 -11.04 -21.68 1.84
N GLY A 228 -10.24 -21.48 2.88
CA GLY A 228 -8.80 -21.56 2.75
C GLY A 228 -8.19 -20.33 2.09
N LEU A 229 -7.11 -20.55 1.35
CA LEU A 229 -6.33 -19.46 0.78
C LEU A 229 -6.60 -19.23 -0.71
N ARG A 230 -6.55 -17.97 -1.12
CA ARG A 230 -6.70 -17.59 -2.53
C ARG A 230 -5.46 -17.98 -3.32
N PHE A 231 -4.32 -18.03 -2.64
CA PHE A 231 -3.08 -18.54 -3.23
C PHE A 231 -2.38 -19.37 -2.17
N GLU A 232 -1.56 -20.32 -2.60
CA GLU A 232 -0.80 -21.15 -1.66
C GLU A 232 0.15 -20.27 -0.86
N ASP A 233 0.62 -19.21 -1.50
CA ASP A 233 1.53 -18.26 -0.85
C ASP A 233 0.87 -16.90 -0.71
N GLU A 234 -0.38 -16.89 -0.25
CA GLU A 234 -1.13 -15.64 -0.12
C GLU A 234 -0.54 -14.70 0.92
N PHE A 235 0.10 -15.26 1.94
CA PHE A 235 0.68 -14.45 3.01
C PHE A 235 1.78 -13.55 2.47
N VAL A 236 2.80 -14.15 1.86
CA VAL A 236 3.92 -13.39 1.33
C VAL A 236 3.46 -12.46 0.20
N ARG A 237 2.44 -12.89 -0.54
CA ARG A 237 1.88 -12.04 -1.58
C ARG A 237 1.29 -10.77 -0.97
N HIS A 238 0.61 -10.89 0.16
CA HIS A 238 0.04 -9.71 0.80
C HIS A 238 1.14 -8.82 1.36
N LYS A 239 2.24 -9.42 1.79
CA LYS A 239 3.35 -8.64 2.31
C LYS A 239 3.95 -7.77 1.21
N MET A 240 3.91 -8.27 -0.03
CA MET A 240 4.39 -7.49 -1.16
C MET A 240 3.38 -6.42 -1.51
N LEU A 241 2.09 -6.71 -1.32
CA LEU A 241 1.05 -5.72 -1.50
C LEU A 241 1.31 -4.59 -0.52
N ASP A 242 1.66 -4.95 0.72
CA ASP A 242 1.95 -3.97 1.75
C ASP A 242 3.22 -3.17 1.41
N ALA A 243 4.23 -3.83 0.86
CA ALA A 243 5.47 -3.16 0.49
C ALA A 243 5.23 -2.11 -0.58
N ILE A 244 4.44 -2.47 -1.59
CA ILE A 244 4.08 -1.55 -2.66
C ILE A 244 3.36 -0.34 -2.09
N GLY A 245 2.46 -0.60 -1.14
CA GLY A 245 1.71 0.47 -0.49
C GLY A 245 2.60 1.37 0.34
N ASP A 246 3.52 0.78 1.09
CA ASP A 246 4.47 1.53 1.91
C ASP A 246 5.32 2.46 1.07
N LEU A 247 5.92 1.90 0.03
CA LEU A 247 6.84 2.65 -0.83
C LEU A 247 6.15 3.80 -1.54
N PHE A 248 4.89 3.61 -1.92
CA PHE A 248 4.16 4.64 -2.65
C PHE A 248 3.71 5.78 -1.74
N MET A 249 4.10 5.73 -0.46
CA MET A 249 3.80 6.81 0.46
C MET A 249 4.54 8.10 0.10
N CYS A 250 5.53 8.01 -0.78
CA CYS A 250 6.24 9.20 -1.24
C CYS A 250 5.54 9.84 -2.43
N GLY A 251 4.51 9.18 -2.94
CA GLY A 251 3.68 9.73 -4.00
C GLY A 251 4.29 9.61 -5.39
N HIS A 252 5.39 8.88 -5.52
CA HIS A 252 6.03 8.69 -6.81
C HIS A 252 6.40 7.23 -7.04
N ASN A 253 6.27 6.78 -8.28
CA ASN A 253 6.79 5.48 -8.67
C ASN A 253 8.31 5.50 -8.65
N ILE A 254 8.90 4.45 -8.09
CA ILE A 254 10.34 4.35 -7.96
C ILE A 254 10.90 3.40 -9.00
N ILE A 255 11.95 3.83 -9.68
CA ILE A 255 12.64 2.99 -10.65
C ILE A 255 13.87 2.40 -9.99
N GLY A 256 13.81 1.11 -9.68
CA GLY A 256 14.93 0.42 -9.06
C GLY A 256 14.55 -0.99 -8.65
N ALA A 257 15.46 -1.63 -7.92
CA ALA A 257 15.28 -3.02 -7.49
C ALA A 257 15.11 -3.08 -5.98
N PHE A 258 13.92 -3.44 -5.53
CA PHE A 258 13.63 -3.57 -4.12
C PHE A 258 13.90 -5.00 -3.66
N THR A 259 14.65 -5.14 -2.58
CA THR A 259 14.94 -6.45 -2.00
C THR A 259 14.79 -6.35 -0.49
N ALA A 260 14.13 -7.33 0.10
CA ALA A 260 13.83 -7.29 1.53
C ALA A 260 13.85 -8.67 2.19
N TYR A 261 14.43 -8.70 3.39
CA TYR A 261 14.46 -9.91 4.20
C TYR A 261 13.75 -9.64 5.53
N LYS A 262 12.63 -10.32 5.75
CA LYS A 262 11.83 -10.14 6.95
C LYS A 262 11.45 -8.69 7.16
N SER A 263 11.11 -8.00 6.08
CA SER A 263 10.79 -6.58 6.17
C SER A 263 9.31 -6.37 6.46
N GLY A 264 8.97 -5.17 6.92
CA GLY A 264 7.60 -4.81 7.23
C GLY A 264 7.42 -3.31 7.15
N HIS A 265 6.26 -2.82 7.54
CA HIS A 265 5.95 -1.39 7.44
C HIS A 265 7.08 -0.51 7.98
N ALA A 266 7.53 -0.82 9.19
CA ALA A 266 8.55 0.00 9.85
C ALA A 266 9.81 0.07 8.99
N LEU A 267 10.26 -1.08 8.51
CA LEU A 267 11.52 -1.18 7.79
C LEU A 267 11.40 -0.66 6.35
N ASN A 268 10.27 -0.93 5.70
CA ASN A 268 10.02 -0.45 4.35
C ASN A 268 10.10 1.06 4.33
N ASN A 269 9.41 1.69 5.28
CA ASN A 269 9.40 3.13 5.39
C ASN A 269 10.77 3.67 5.78
N LYS A 270 11.50 2.94 6.60
CA LYS A 270 12.83 3.37 7.02
C LYS A 270 13.77 3.42 5.82
N LEU A 271 13.61 2.46 4.91
CA LEU A 271 14.36 2.47 3.66
C LEU A 271 13.96 3.68 2.83
N LEU A 272 12.65 3.87 2.67
CA LEU A 272 12.12 4.96 1.86
C LEU A 272 12.71 6.31 2.29
N GLN A 273 12.68 6.59 3.59
CA GLN A 273 13.20 7.86 4.10
C GLN A 273 14.72 7.94 3.93
N ALA A 274 15.41 6.81 4.12
CA ALA A 274 16.86 6.78 3.97
C ALA A 274 17.24 7.15 2.55
N VAL A 275 16.52 6.61 1.59
CA VAL A 275 16.77 6.89 0.18
C VAL A 275 16.52 8.35 -0.12
N LEU A 276 15.40 8.88 0.34
CA LEU A 276 15.01 10.25 0.03
C LEU A 276 15.91 11.26 0.74
N ALA A 277 16.52 10.86 1.84
CA ALA A 277 17.35 11.75 2.62
C ALA A 277 18.72 11.95 1.98
N LYS A 278 19.18 10.95 1.24
CA LYS A 278 20.48 11.04 0.59
C LYS A 278 20.35 11.58 -0.82
N GLN A 279 20.74 12.84 -0.99
CA GLN A 279 20.56 13.57 -2.24
C GLN A 279 21.19 12.86 -3.44
N GLU A 280 22.37 12.29 -3.23
CA GLU A 280 23.11 11.66 -4.32
C GLU A 280 22.55 10.30 -4.66
N ALA A 281 21.72 9.75 -3.78
CA ALA A 281 21.26 8.38 -3.91
C ALA A 281 20.11 8.22 -4.92
N TRP A 282 19.59 9.33 -5.44
CA TRP A 282 18.45 9.28 -6.36
C TRP A 282 18.28 10.57 -7.17
N GLU A 283 17.24 10.60 -8.00
CA GLU A 283 16.94 11.77 -8.82
C GLU A 283 15.58 11.65 -9.50
N TYR A 284 14.92 12.78 -9.72
CA TYR A 284 13.67 12.78 -10.48
C TYR A 284 13.96 12.59 -11.97
N VAL A 285 13.10 11.86 -12.66
CA VAL A 285 13.19 11.73 -14.11
C VAL A 285 11.81 11.76 -14.74
N THR A 286 11.72 12.35 -15.94
CA THR A 286 10.48 12.40 -16.67
C THR A 286 10.72 11.85 -18.07
N PHE A 287 9.65 11.40 -18.72
CA PHE A 287 9.77 10.81 -20.04
C PHE A 287 9.01 11.62 -21.08
N GLN A 288 9.73 12.44 -21.83
CA GLN A 288 9.16 13.12 -22.98
C GLN A 288 8.81 12.07 -24.01
N ASP A 289 9.78 11.23 -24.31
CA ASP A 289 9.60 10.09 -25.18
C ASP A 289 8.88 8.99 -24.41
N ASP A 290 7.67 8.65 -24.83
CA ASP A 290 6.86 7.66 -24.15
C ASP A 290 7.45 6.26 -24.21
N ALA A 291 8.25 6.01 -25.24
CA ALA A 291 8.84 4.68 -25.45
C ALA A 291 10.01 4.41 -24.51
N GLU A 292 10.62 5.47 -23.99
CA GLU A 292 11.70 5.33 -23.02
C GLU A 292 11.16 4.79 -21.70
N LEU A 293 9.84 4.86 -21.52
CA LEU A 293 9.23 4.49 -20.26
C LEU A 293 9.53 3.05 -19.95
N PRO A 294 9.93 2.74 -18.74
CA PRO A 294 10.21 1.35 -18.44
C PRO A 294 8.98 0.49 -18.51
N LEU A 295 9.19 -0.76 -18.85
CA LEU A 295 8.10 -1.72 -18.97
C LEU A 295 7.16 -1.63 -17.76
N ALA A 296 7.76 -1.65 -16.57
CA ALA A 296 7.01 -1.77 -15.33
C ALA A 296 5.88 -0.76 -15.19
N PHE A 297 6.07 0.44 -15.72
CA PHE A 297 5.14 1.54 -15.44
C PHE A 297 4.28 1.97 -16.63
N LYS A 298 4.03 1.07 -17.56
CA LYS A 298 3.11 1.37 -18.65
C LYS A 298 1.67 1.27 -18.15
N ALA A 299 0.78 2.03 -18.78
CA ALA A 299 -0.63 2.02 -18.41
C ALA A 299 -1.20 0.60 -18.44
N PRO A 300 -2.32 0.38 -17.71
CA PRO A 300 -2.95 -0.94 -17.61
C PRO A 300 -3.87 -1.24 -18.79
ZN ZN B . -1.53 -5.25 4.66
C10 ZH4 C . -4.51 -7.38 12.00
C13 ZH4 C . -7.82 -9.15 11.64
C15 ZH4 C . -9.93 -10.68 12.37
C17 ZH4 C . -11.99 -12.26 13.16
C20 ZH4 C . -14.07 -13.86 14.06
C21 ZH4 C . -13.77 -12.67 14.74
C22 ZH4 C . -12.72 -11.87 14.28
C24 ZH4 C . -6.40 -7.90 9.94
C26 ZH4 C . 0.01 -6.96 9.02
C28 ZH4 C . -0.23 -8.36 8.70
O01 ZH4 C . -1.81 -6.00 6.56
C02 ZH4 C . -1.15 -5.48 7.45
N03 ZH4 C . -0.57 -4.21 7.22
O04 ZH4 C . -0.68 -3.71 6.01
C05 ZH4 C . -1.11 -6.09 8.79
N06 ZH4 C . -2.33 -6.65 9.20
C07 ZH4 C . -3.02 -6.20 10.37
O08 ZH4 C . -2.51 -5.42 11.16
C09 ZH4 C . -4.30 -6.91 10.71
C11 ZH4 C . -5.69 -8.10 12.26
C12 ZH4 C . -6.61 -8.35 11.25
C14 ZH4 C . -8.77 -9.83 11.96
C16 ZH4 C . -10.86 -11.38 12.71
C18 ZH4 C . -12.28 -13.45 12.48
C19 ZH4 C . -13.33 -14.25 12.94
N23 ZH4 C . -14.49 -12.30 15.90
C25 ZH4 C . -5.22 -7.16 9.69
O27 ZH4 C . 1.19 -6.50 8.57
O01 UKW D . 2.67 -15.24 19.20
C02 UKW D . 1.73 -14.51 19.48
N03 UKW D . 0.88 -14.04 18.44
O04 UKW D . 1.00 -14.54 17.23
C05 UKW D . 1.73 -13.79 20.77
N06 UKW D . 0.81 -12.66 20.80
C07 UKW D . 1.32 -11.30 20.65
O08 UKW D . 2.50 -11.12 20.40
C09 UKW D . 0.41 -10.12 20.96
C10 UKW D . 0.60 -8.89 20.33
C11 UKW D . -0.23 -7.81 20.67
C12 UKW D . -1.22 -7.96 21.64
C13 UKW D . -1.39 -9.18 22.28
C14 UKW D . -0.57 -10.27 21.94
C15 UKW D . -2.10 -6.81 22.01
C16 UKW D . -2.82 -5.87 22.31
C25 UKW D . 1.37 -14.81 21.85
C26 UKW D . 1.22 -14.15 23.22
O27 UKW D . 0.19 -15.43 21.52
S DMS E . -2.56 -8.70 14.97
O DMS E . -2.03 -10.42 15.04
C1 DMS E . -4.35 -8.61 15.22
C2 DMS E . -2.01 -7.79 16.43
S DMS F . 11.98 14.40 -27.90
O DMS F . 11.25 14.88 -29.47
C1 DMS F . 11.18 15.32 -26.56
C2 DMS F . 11.46 12.71 -27.45
S DMS G . 0.34 -15.66 11.93
O DMS G . 0.87 -15.82 10.22
C1 DMS G . 1.77 -15.81 13.04
C2 DMS G . -0.16 -13.94 12.25
S SO4 H . 4.29 -5.38 9.78
O1 SO4 H . 2.94 -5.43 10.32
O2 SO4 H . 4.23 -5.16 8.33
O3 SO4 H . 5.01 -4.28 10.40
O4 SO4 H . 4.99 -6.63 10.04
S SO4 I . -5.19 19.39 -18.40
O1 SO4 I . -6.55 19.77 -18.01
O2 SO4 I . -5.15 17.94 -18.60
O3 SO4 I . -4.83 20.06 -19.65
O4 SO4 I . -4.25 19.77 -17.36
S SO4 J . -23.04 1.30 12.14
O1 SO4 J . -24.44 1.44 12.53
O2 SO4 J . -22.97 0.70 10.81
O3 SO4 J . -22.41 2.61 12.11
O4 SO4 J . -22.35 0.44 13.09
#